data_7WCO
#
_entry.id   7WCO
#
_cell.length_a   1.00
_cell.length_b   1.00
_cell.length_c   1.00
_cell.angle_alpha   90.00
_cell.angle_beta   90.00
_cell.angle_gamma   90.00
#
_symmetry.space_group_name_H-M   'P 1'
#
loop_
_entity.id
_entity.type
_entity.pdbx_description
1 polymer 'Spike glycoprotein E1'
2 polymer 'Spike glycoprotein E2'
3 polymer 'Capsid protein'
#
loop_
_entity_poly.entity_id
_entity_poly.type
_entity_poly.pdbx_seq_one_letter_code
_entity_poly.pdbx_strand_id
1 'polypeptide(L)'
;YEHTATIPNVVGFPYKAHIERNGFSPMTLQLEVLGTSLEPTLNLEYITCEYKTVVPSPYIKCCGTSECRSMERPDYQCQV
YTGVYPFMWGGAYCFCDTENTQLSEAYVDRSDVCKHDHAAAYKAHTAAMKATIRISYGNLNQTTTAFVNGEHTVTVGGSR
FTFGPISTAWTPFDNKIVVYKNDVYNQDFPPYGSGQPGRFGDIQSRTVESKDLYANTALKLSRPSSGTVHVPYTQTPSSF
KYWIKERGTSLNDKAPFGCVIKTNPVRAENCAVGNIPVSMDIPDTAFTRVIDAPAVTNLECQVAVCTHSSDFGGIATLTF
KTDKPGKCAVHSHSNVATIQEAAVDIKTDGKITLHFSTASASPAFKVSVCSAKTTCMAACEPPKDHIVPYGASHNNQVFP
DMSGTAMTWVQRVAGGLGGLTLAAVAVLILVTCVTMRR
;
J
2 'polypeptide(L)'
;SVTEHFNVYKATKPYLAYCADCGDGQFCYSPVAIEKIRDEASDGMIKIQVAAQIGINKGGTHEHNKIRYIAGHDMKEANR
DSLQVHTSGVCAIRGTMGHFIVAYCPPGDELKVQFQDAESHTQACKVQYKHAPAPVGREKFTVRPHFGIEVPCTTYQLTT
APTEEEIDMHTPPDIPDITLLSQQSGNVKITAGGKTIRYNCTCGSGNVGTTSSDKTINSCKIAQCHAAVTNHDKWQYTSS
FVPRADQLSRKGKVHVPFPLTNSTCRVPVARAPGVTYGKRELTVKLHPDHPTLLTYRSLGADPRPYEEWIDRYVERTIPV
TEEGIEYRWGNNPPVRLWAQLTTEGKPHGWPHEIILYYYGLYPAATIAAVSAAGLAVVLSLLASCYMFATARRKCLTPYA
LTPGAVVPVTLGVLCCAPRAHA
;
K
3 'polypeptide(L)'
;MNYIPTQTFYGRRWRPRPAYRPWRVPMQPAPPMVIPELQTPIVQAQQMQQLISAVSALTTKQNGKAPKKPKKKPQKAKAK
KNEQQKKNENKKPPPKQKNPAKKKKPGKRERMCMKIENDCIFEVKLDGKVTGYACLVGDKVMKPAHVKGVIDNPDLAKLT
YKKSSKYDLECAQIPVHMKSDASKYTHEKPEGHYNWHHGAVQYSGGRFTIPTGAGKPGDSGRPIFDNKGRVVAIVLGGAN
EGARTALSVVTWTKDMVTRYTPEGTEEW
;
L
#
# COMPACT_ATOMS: atom_id res chain seq x y z
N VAL A 410 -12.12 -33.04 32.08
CA VAL A 410 -10.82 -32.47 31.75
C VAL A 410 -10.56 -32.67 30.27
N GLN A 411 -10.95 -33.84 29.76
CA GLN A 411 -10.91 -34.08 28.33
C GLN A 411 -11.93 -33.23 27.60
N ARG A 412 -13.05 -32.92 28.25
CA ARG A 412 -14.05 -32.05 27.64
C ARG A 412 -13.56 -30.61 27.62
N VAL A 413 -12.84 -30.19 28.65
CA VAL A 413 -12.29 -28.83 28.67
C VAL A 413 -11.13 -28.73 27.70
N ALA A 414 -10.20 -29.67 27.75
CA ALA A 414 -9.07 -29.65 26.85
C ALA A 414 -9.35 -30.30 25.51
N GLY A 415 -10.62 -30.39 25.11
CA GLY A 415 -10.99 -30.86 23.80
C GLY A 415 -11.80 -29.80 23.09
N GLY A 416 -12.34 -28.86 23.85
CA GLY A 416 -13.05 -27.74 23.26
C GLY A 416 -12.08 -26.70 22.74
N LEU A 417 -11.33 -26.08 23.64
CA LEU A 417 -10.31 -25.13 23.22
C LEU A 417 -9.05 -25.82 22.72
N GLY A 418 -8.94 -27.14 22.88
CA GLY A 418 -7.99 -27.87 22.09
C GLY A 418 -8.44 -28.07 20.66
N GLY A 419 -9.74 -27.98 20.41
CA GLY A 419 -10.29 -28.11 19.08
C GLY A 419 -10.62 -26.76 18.50
N LEU A 420 -10.63 -25.73 19.34
CA LEU A 420 -10.74 -24.36 18.84
C LEU A 420 -9.44 -23.92 18.21
N THR A 421 -8.31 -24.33 18.81
CA THR A 421 -7.00 -23.85 18.39
C THR A 421 -6.61 -24.43 17.04
N LEU A 422 -6.92 -25.70 16.78
CA LEU A 422 -6.57 -26.26 15.48
C LEU A 422 -7.51 -25.77 14.38
N ALA A 423 -8.65 -25.19 14.74
CA ALA A 423 -9.48 -24.53 13.73
C ALA A 423 -9.01 -23.11 13.46
N ALA A 424 -8.36 -22.48 14.45
CA ALA A 424 -7.80 -21.16 14.22
C ALA A 424 -6.56 -21.22 13.34
N VAL A 425 -5.81 -22.31 13.42
CA VAL A 425 -4.71 -22.52 12.48
C VAL A 425 -5.26 -22.91 11.12
N ALA A 426 -6.38 -23.64 11.10
CA ALA A 426 -6.99 -24.08 9.84
C ALA A 426 -7.51 -22.93 8.99
N VAL A 427 -7.73 -21.77 9.58
CA VAL A 427 -8.02 -20.58 8.78
C VAL A 427 -6.75 -19.94 8.28
N LEU A 428 -5.77 -19.74 9.17
CA LEU A 428 -4.59 -18.96 8.83
C LEU A 428 -3.66 -19.71 7.88
N ILE A 429 -3.71 -21.04 7.85
CA ILE A 429 -2.98 -21.75 6.80
C ILE A 429 -3.65 -21.52 5.45
N LEU A 430 -4.98 -21.43 5.43
CA LEU A 430 -5.69 -21.24 4.17
C LEU A 430 -5.66 -19.79 3.71
N VAL A 431 -5.64 -18.83 4.62
CA VAL A 431 -5.65 -17.43 4.18
C VAL A 431 -4.28 -17.04 3.65
N THR A 432 -3.20 -17.45 4.31
CA THR A 432 -1.88 -17.20 3.76
C THR A 432 -1.55 -18.06 2.56
N CYS A 433 -2.34 -19.09 2.27
CA CYS A 433 -2.20 -19.78 1.01
C CYS A 433 -2.82 -18.99 -0.12
N VAL A 434 -3.82 -18.15 0.18
CA VAL A 434 -4.52 -17.39 -0.85
C VAL A 434 -3.89 -16.02 -1.04
N THR A 435 -3.84 -15.21 0.01
CA THR A 435 -3.35 -13.85 -0.16
C THR A 435 -1.87 -13.72 0.14
N MET A 436 -1.07 -14.79 -0.14
CA MET A 436 0.30 -14.62 -0.68
C MET A 436 0.32 -14.73 -2.19
N ARG A 437 -0.62 -15.48 -2.76
CA ARG A 437 -0.61 -15.79 -4.18
C ARG A 437 -0.95 -14.57 -5.01
N ARG A 438 -2.02 -13.88 -4.66
CA ARG A 438 -2.51 -12.74 -5.44
C ARG A 438 -1.57 -11.55 -5.38
N SER B 371 -3.42 -24.63 39.35
CA SER B 371 -3.36 -23.25 38.88
C SER B 371 -2.60 -23.16 37.57
N ALA B 372 -1.73 -24.13 37.31
CA ALA B 372 -1.04 -24.18 36.03
C ALA B 372 -2.00 -24.53 34.90
N ALA B 373 -2.94 -25.44 35.17
CA ALA B 373 -4.04 -25.67 34.25
C ALA B 373 -4.96 -24.45 34.18
N GLY B 374 -5.08 -23.72 35.29
CA GLY B 374 -5.77 -22.44 35.25
C GLY B 374 -5.00 -21.33 34.58
N LEU B 375 -3.74 -21.58 34.23
CA LEU B 375 -2.96 -20.65 33.43
C LEU B 375 -2.68 -21.17 32.03
N ALA B 376 -2.72 -22.48 31.81
CA ALA B 376 -2.59 -22.97 30.44
C ALA B 376 -3.86 -22.77 29.62
N VAL B 377 -4.97 -22.36 30.24
CA VAL B 377 -6.14 -21.96 29.47
C VAL B 377 -5.91 -20.59 28.85
N VAL B 378 -5.46 -19.63 29.66
CA VAL B 378 -5.36 -18.25 29.19
C VAL B 378 -4.20 -18.09 28.21
N LEU B 379 -3.20 -18.96 28.28
CA LEU B 379 -2.17 -19.00 27.25
C LEU B 379 -2.50 -19.99 26.15
N SER B 380 -3.76 -20.40 26.03
CA SER B 380 -4.22 -21.16 24.89
C SER B 380 -5.59 -20.71 24.44
N LEU B 381 -6.19 -19.73 25.10
CA LEU B 381 -7.36 -19.06 24.58
C LEU B 381 -7.02 -17.71 23.99
N LEU B 382 -5.87 -17.14 24.36
CA LEU B 382 -5.39 -15.95 23.68
C LEU B 382 -4.73 -16.27 22.36
N ALA B 383 -4.13 -17.46 22.23
CA ALA B 383 -3.47 -17.82 20.99
C ALA B 383 -4.46 -18.04 19.86
N SER B 384 -5.60 -18.67 20.16
CA SER B 384 -6.64 -18.83 19.16
C SER B 384 -7.39 -17.54 18.88
N CYS B 385 -7.30 -16.56 19.78
CA CYS B 385 -7.86 -15.24 19.49
C CYS B 385 -6.83 -14.36 18.79
N TYR B 386 -5.54 -14.62 19.01
CA TYR B 386 -4.51 -13.91 18.26
C TYR B 386 -4.50 -14.31 16.79
N MET B 387 -4.83 -15.56 16.50
CA MET B 387 -4.80 -16.03 15.13
C MET B 387 -6.07 -15.68 14.37
N PHE B 388 -7.07 -15.11 15.01
CA PHE B 388 -8.17 -14.54 14.24
C PHE B 388 -7.93 -13.09 13.92
N ALA B 389 -7.30 -12.34 14.83
CA ALA B 389 -6.99 -10.94 14.56
C ALA B 389 -5.93 -10.80 13.47
N THR B 390 -5.02 -11.77 13.37
CA THR B 390 -4.05 -11.73 12.29
C THR B 390 -4.69 -12.06 10.97
N ALA B 391 -5.56 -13.08 10.94
CA ALA B 391 -6.24 -13.42 9.70
C ALA B 391 -7.32 -12.42 9.34
N ARG B 392 -7.85 -11.67 10.32
CA ARG B 392 -8.71 -10.56 9.97
C ARG B 392 -7.90 -9.44 9.35
N ARG B 393 -6.65 -9.26 9.78
CA ARG B 393 -5.85 -8.14 9.29
C ARG B 393 -5.36 -8.39 7.89
N LYS B 394 -4.82 -9.57 7.63
CA LYS B 394 -4.14 -9.84 6.38
C LYS B 394 -5.11 -9.98 5.22
N CYS B 395 -6.37 -10.31 5.48
CA CYS B 395 -7.32 -10.53 4.40
C CYS B 395 -7.92 -9.22 3.89
N LEU B 396 -7.96 -8.17 4.72
CA LEU B 396 -8.55 -6.93 4.24
C LEU B 396 -7.62 -5.73 4.40
N THR B 397 -6.32 -5.94 4.51
CA THR B 397 -5.43 -4.78 4.51
C THR B 397 -5.28 -4.05 3.17
N PRO B 398 -5.41 -4.65 1.97
CA PRO B 398 -5.38 -3.76 0.79
C PRO B 398 -6.63 -2.94 0.61
N TYR B 399 -7.77 -3.38 1.13
CA TYR B 399 -9.00 -2.62 0.97
C TYR B 399 -9.00 -1.33 1.76
N ALA B 400 -8.11 -1.20 2.74
CA ALA B 400 -7.99 0.05 3.47
C ALA B 400 -6.98 0.98 2.85
N LEU B 401 -6.10 0.48 2.00
CA LEU B 401 -5.04 1.33 1.44
C LEU B 401 -5.56 2.09 0.23
N THR B 402 -6.31 1.43 -0.65
CA THR B 402 -6.83 2.06 -1.86
C THR B 402 -7.95 3.03 -1.52
N PRO B 403 -8.33 3.93 -2.41
CA PRO B 403 -9.60 4.64 -2.23
C PRO B 403 -10.81 3.86 -2.75
N GLY B 404 -11.18 2.77 -2.07
CA GLY B 404 -12.19 1.87 -2.60
C GLY B 404 -13.15 1.27 -1.58
N ALA B 405 -14.00 0.34 -2.05
CA ALA B 405 -15.07 -0.23 -1.25
C ALA B 405 -14.61 -1.53 -0.57
N VAL B 406 -15.55 -2.23 0.07
CA VAL B 406 -15.22 -3.26 1.04
C VAL B 406 -15.66 -4.65 0.60
N VAL B 407 -16.38 -4.79 -0.51
CA VAL B 407 -17.01 -6.03 -0.99
C VAL B 407 -17.93 -6.60 0.08
N PRO B 408 -19.19 -6.14 0.16
CA PRO B 408 -20.08 -6.40 1.31
C PRO B 408 -20.37 -7.85 1.69
N VAL B 409 -19.92 -8.83 0.92
CA VAL B 409 -19.95 -10.20 1.42
C VAL B 409 -18.99 -10.35 2.59
N THR B 410 -17.78 -9.79 2.45
CA THR B 410 -16.80 -9.82 3.52
C THR B 410 -17.19 -8.91 4.68
N LEU B 411 -18.07 -7.92 4.45
CA LEU B 411 -18.72 -7.21 5.56
C LEU B 411 -19.53 -8.16 6.43
N GLY B 412 -20.24 -9.12 5.81
CA GLY B 412 -21.04 -10.04 6.59
C GLY B 412 -20.19 -11.02 7.36
N VAL B 413 -19.20 -11.62 6.70
CA VAL B 413 -18.40 -12.66 7.34
C VAL B 413 -17.42 -12.05 8.33
N LEU B 414 -16.54 -11.17 7.85
CA LEU B 414 -15.56 -10.54 8.71
C LEU B 414 -16.12 -9.24 9.26
N CYS B 415 -15.93 -9.02 10.55
CA CYS B 415 -16.39 -7.77 11.15
C CYS B 415 -15.41 -6.69 10.74
N CYS B 416 -15.78 -5.92 9.71
CA CYS B 416 -14.85 -4.94 9.15
C CYS B 416 -15.04 -3.59 9.83
N ALA B 417 -13.92 -2.91 10.06
CA ALA B 417 -13.97 -1.56 10.60
C ALA B 417 -14.65 -0.53 9.69
N PRO B 418 -14.62 -0.61 8.34
CA PRO B 418 -15.52 0.26 7.56
C PRO B 418 -16.98 -0.11 7.71
N ARG B 419 -17.62 0.42 8.76
CA ARG B 419 -19.04 0.19 9.02
C ARG B 419 -19.89 0.62 7.83
N ALA B 420 -19.61 1.82 7.26
CA ALA B 420 -19.45 1.96 5.78
C ALA B 420 -18.36 2.95 5.40
N HIS B 421 -17.65 3.52 6.36
CA HIS B 421 -16.79 4.66 6.10
C HIS B 421 -15.36 4.22 5.83
N ALA B 422 -14.75 4.85 4.83
CA ALA B 422 -13.36 4.62 4.38
C ALA B 422 -13.07 3.16 4.03
N ARG C 111 -0.35 18.14 -21.37
CA ARG C 111 1.05 17.75 -21.30
C ARG C 111 1.84 18.83 -20.59
N MET C 112 1.20 19.99 -20.40
CA MET C 112 1.72 21.01 -19.51
C MET C 112 1.28 20.75 -18.08
N CYS C 113 0.37 19.82 -17.86
CA CYS C 113 -0.26 19.58 -16.57
C CYS C 113 0.58 18.66 -15.67
N MET C 114 1.88 18.56 -15.90
CA MET C 114 2.79 18.04 -14.89
C MET C 114 3.15 19.11 -13.87
N LYS C 115 2.72 20.35 -14.08
CA LYS C 115 2.98 21.41 -13.12
C LYS C 115 2.16 21.25 -11.86
N ILE C 116 1.04 20.53 -11.90
CA ILE C 116 0.19 20.41 -10.72
C ILE C 116 0.67 19.37 -9.73
N GLU C 117 1.83 18.77 -9.96
CA GLU C 117 2.31 17.83 -8.95
C GLU C 117 2.81 18.55 -7.72
N ASN C 118 3.19 19.83 -7.82
CA ASN C 118 3.73 20.54 -6.67
C ASN C 118 2.65 20.85 -5.62
N ASP C 119 1.39 20.87 -6.02
CA ASP C 119 0.31 21.06 -5.08
C ASP C 119 -0.03 19.79 -4.32
N CYS C 120 0.38 18.63 -4.84
CA CYS C 120 0.08 17.33 -4.25
C CYS C 120 1.36 16.55 -4.00
N ILE C 121 2.42 17.23 -3.57
CA ILE C 121 3.66 16.56 -3.22
C ILE C 121 4.22 17.29 -2.00
N PHE C 122 5.07 16.59 -1.24
CA PHE C 122 5.78 17.18 -0.12
C PHE C 122 7.13 16.50 0.00
N GLU C 123 8.12 17.25 0.45
CA GLU C 123 9.43 16.68 0.69
C GLU C 123 9.48 16.09 2.09
N VAL C 124 10.10 14.93 2.23
CA VAL C 124 10.31 14.31 3.52
C VAL C 124 11.81 14.23 3.75
N LYS C 125 12.26 14.76 4.89
CA LYS C 125 13.69 14.77 5.21
C LYS C 125 13.93 13.99 6.49
N LEU C 126 15.14 13.40 6.57
CA LEU C 126 15.51 12.61 7.73
C LEU C 126 16.37 13.39 8.73
N ASP C 127 17.25 14.26 8.27
CA ASP C 127 18.04 15.11 9.15
C ASP C 127 18.14 16.52 8.60
N GLY C 128 17.72 16.70 7.34
CA GLY C 128 17.98 17.92 6.62
C GLY C 128 18.20 17.67 5.15
N LYS C 129 18.24 16.41 4.75
CA LYS C 129 18.37 16.03 3.35
C LYS C 129 17.13 15.30 2.87
N VAL C 130 16.75 15.58 1.63
CA VAL C 130 15.53 15.02 1.05
C VAL C 130 15.81 13.61 0.54
N THR C 131 15.00 12.66 0.98
CA THR C 131 15.09 11.28 0.50
C THR C 131 13.97 10.95 -0.48
N GLY C 132 12.72 11.23 -0.13
CA GLY C 132 11.62 10.90 -1.02
C GLY C 132 10.50 11.91 -1.01
N TYR C 133 9.28 11.45 -1.27
CA TYR C 133 8.13 12.34 -1.39
C TYR C 133 6.87 11.62 -0.94
N ALA C 134 6.06 12.30 -0.14
CA ALA C 134 4.77 11.76 0.28
C ALA C 134 3.67 12.38 -0.57
N CYS C 135 3.13 11.59 -1.50
CA CYS C 135 2.16 12.12 -2.44
C CYS C 135 0.78 12.19 -1.81
N LEU C 136 -0.20 12.70 -2.54
CA LEU C 136 -1.50 12.98 -1.93
C LEU C 136 -2.64 12.55 -2.85
N VAL C 137 -2.60 11.29 -3.30
CA VAL C 137 -3.56 10.81 -4.29
C VAL C 137 -4.93 10.60 -3.67
N GLY C 138 -5.96 11.12 -4.33
CA GLY C 138 -7.33 10.80 -3.98
C GLY C 138 -7.79 11.43 -2.69
N ASP C 139 -7.93 10.63 -1.64
CA ASP C 139 -8.18 11.22 -0.32
C ASP C 139 -7.25 10.64 0.74
N LYS C 140 -6.14 10.02 0.35
CA LYS C 140 -5.26 9.31 1.27
C LYS C 140 -3.83 9.69 0.95
N VAL C 141 -3.10 10.15 1.97
CA VAL C 141 -1.66 10.34 1.84
C VAL C 141 -0.99 8.99 1.64
N MET C 142 -0.33 8.82 0.52
CA MET C 142 0.49 7.65 0.26
C MET C 142 1.96 8.05 0.34
N LYS C 143 2.75 7.19 0.95
CA LYS C 143 4.19 7.42 1.06
C LYS C 143 4.85 6.06 1.14
N PRO C 144 5.93 5.84 0.39
CA PRO C 144 6.59 4.53 0.40
C PRO C 144 7.20 4.23 1.75
N ALA C 145 7.02 2.98 2.20
CA ALA C 145 7.33 2.61 3.58
C ALA C 145 8.81 2.63 3.88
N HIS C 146 9.66 2.54 2.86
CA HIS C 146 11.10 2.56 3.11
C HIS C 146 11.60 3.97 3.38
N VAL C 147 11.05 4.96 2.69
CA VAL C 147 11.54 6.34 2.79
C VAL C 147 11.19 6.92 4.16
N LYS C 148 12.22 7.31 4.91
CA LYS C 148 12.10 7.64 6.32
C LYS C 148 12.08 9.14 6.53
N GLY C 149 11.92 9.54 7.80
CA GLY C 149 11.99 10.92 8.21
C GLY C 149 10.63 11.47 8.60
N VAL C 150 10.52 12.79 8.58
CA VAL C 150 9.29 13.51 8.91
C VAL C 150 8.94 14.37 7.71
N ILE C 151 7.69 14.29 7.23
CA ILE C 151 7.30 15.04 6.06
C ILE C 151 7.17 16.51 6.42
N ASP C 152 7.54 17.38 5.48
CA ASP C 152 7.68 18.80 5.77
C ASP C 152 6.33 19.50 5.78
N ASN C 153 5.47 19.15 6.73
CA ASN C 153 4.16 19.73 6.88
C ASN C 153 3.71 19.44 8.30
N PRO C 154 3.40 20.46 9.12
CA PRO C 154 3.07 20.19 10.53
C PRO C 154 1.77 19.44 10.73
N ASP C 155 0.67 19.88 10.12
CA ASP C 155 -0.61 19.22 10.35
C ASP C 155 -0.73 17.88 9.65
N LEU C 156 0.19 17.55 8.75
CA LEU C 156 0.32 16.21 8.20
C LEU C 156 1.35 15.37 8.94
N ALA C 157 2.03 15.93 9.94
CA ALA C 157 3.00 15.16 10.72
C ALA C 157 2.30 14.38 11.82
N LYS C 158 1.52 15.08 12.67
CA LYS C 158 0.85 14.40 13.76
C LYS C 158 -0.32 13.59 13.20
N LEU C 159 -0.05 12.32 12.92
CA LEU C 159 -0.98 11.50 12.15
C LEU C 159 -0.56 10.05 12.34
N THR C 160 -1.45 9.22 12.87
CA THR C 160 -1.15 7.82 13.11
C THR C 160 -1.56 7.04 11.88
N TYR C 161 -0.59 6.63 11.07
CA TYR C 161 -0.96 5.97 9.83
C TYR C 161 -0.01 4.85 9.42
N LYS C 162 0.69 4.23 10.37
CA LYS C 162 1.64 3.18 10.02
C LYS C 162 0.88 1.93 9.58
N LYS C 163 1.09 1.53 8.33
CA LYS C 163 0.33 0.44 7.74
C LYS C 163 1.27 -0.62 7.19
N SER C 164 0.74 -1.48 6.32
CA SER C 164 1.38 -2.72 5.90
C SER C 164 2.73 -2.52 5.23
N SER C 165 3.47 -3.61 5.12
CA SER C 165 4.82 -3.61 4.56
C SER C 165 5.02 -4.69 3.51
N LYS C 166 3.98 -5.46 3.20
CA LYS C 166 4.10 -6.42 2.11
C LYS C 166 4.00 -5.71 0.77
N TYR C 167 3.28 -4.58 0.75
CA TYR C 167 3.15 -3.75 -0.44
C TYR C 167 4.16 -2.62 -0.45
N ASP C 168 4.82 -2.38 0.68
CA ASP C 168 5.69 -1.23 0.93
C ASP C 168 4.95 0.08 0.65
N LEU C 169 3.92 0.32 1.45
CA LEU C 169 3.25 1.60 1.49
C LEU C 169 3.09 2.03 2.94
N GLU C 170 2.62 3.25 3.13
CA GLU C 170 2.28 3.73 4.46
C GLU C 170 1.16 4.76 4.30
N CYS C 171 -0.08 4.31 4.39
CA CYS C 171 -1.19 5.10 3.89
C CYS C 171 -1.94 5.79 5.04
N ALA C 172 -2.51 6.95 4.74
CA ALA C 172 -3.05 7.83 5.76
C ALA C 172 -4.46 8.25 5.39
N GLN C 173 -4.98 9.22 6.13
CA GLN C 173 -6.25 9.86 5.81
C GLN C 173 -5.96 11.36 5.84
N ILE C 174 -6.25 12.05 4.73
CA ILE C 174 -5.86 13.45 4.61
C ILE C 174 -6.82 14.30 5.45
N PRO C 175 -6.42 15.48 5.92
CA PRO C 175 -7.34 16.32 6.70
C PRO C 175 -8.43 16.91 5.83
N VAL C 176 -9.42 17.50 6.51
CA VAL C 176 -10.61 17.97 5.84
C VAL C 176 -10.36 19.29 5.10
N HIS C 177 -9.45 20.12 5.61
CA HIS C 177 -9.13 21.37 4.95
C HIS C 177 -8.09 21.22 3.85
N MET C 178 -7.72 19.98 3.52
CA MET C 178 -6.87 19.75 2.36
C MET C 178 -7.45 18.71 1.42
N LYS C 179 -8.76 18.52 1.41
CA LYS C 179 -9.39 17.64 0.45
C LYS C 179 -9.33 18.20 -0.97
N SER C 180 -9.20 19.51 -1.12
CA SER C 180 -9.23 20.17 -2.41
C SER C 180 -7.86 20.43 -2.98
N ASP C 181 -6.81 19.99 -2.31
CA ASP C 181 -5.46 20.06 -2.85
C ASP C 181 -4.99 18.74 -3.42
N ALA C 182 -5.89 17.78 -3.59
CA ALA C 182 -5.54 16.45 -4.02
C ALA C 182 -5.63 16.34 -5.54
N SER C 183 -5.03 15.28 -6.06
CA SER C 183 -5.06 15.01 -7.48
C SER C 183 -6.27 14.12 -7.79
N LYS C 184 -6.30 13.53 -8.98
CA LYS C 184 -7.42 12.71 -9.42
C LYS C 184 -6.90 11.32 -9.71
N TYR C 185 -7.53 10.31 -9.12
CA TYR C 185 -7.12 8.93 -9.33
C TYR C 185 -7.97 8.27 -10.40
N THR C 186 -7.39 7.25 -11.02
CA THR C 186 -8.09 6.44 -12.00
C THR C 186 -7.57 5.01 -11.88
N HIS C 187 -8.17 4.10 -12.63
CA HIS C 187 -7.81 2.71 -12.48
C HIS C 187 -7.58 1.97 -13.78
N GLU C 188 -7.91 2.55 -14.93
CA GLU C 188 -7.70 1.87 -16.20
C GLU C 188 -6.45 2.41 -16.86
N LYS C 189 -5.77 1.54 -17.59
CA LYS C 189 -4.63 1.97 -18.37
C LYS C 189 -4.51 1.14 -19.65
N PRO C 190 -4.52 1.78 -20.81
CA PRO C 190 -4.24 1.07 -22.06
C PRO C 190 -2.76 1.16 -22.41
N GLU C 191 -2.39 0.39 -23.43
CA GLU C 191 -1.02 0.40 -23.93
C GLU C 191 -0.76 1.69 -24.68
N GLY C 192 -0.09 2.64 -24.02
CA GLY C 192 0.04 3.95 -24.62
C GLY C 192 1.31 4.69 -24.25
N HIS C 193 1.14 5.96 -23.89
CA HIS C 193 2.25 6.88 -23.67
C HIS C 193 1.93 7.73 -22.45
N TYR C 194 2.54 7.41 -21.32
CA TYR C 194 2.27 8.07 -20.05
C TYR C 194 3.44 8.99 -19.72
N ASN C 195 3.27 9.81 -18.69
CA ASN C 195 4.31 10.78 -18.39
C ASN C 195 4.43 11.03 -16.90
N TRP C 196 5.66 11.30 -16.46
CA TRP C 196 5.93 11.74 -15.10
C TRP C 196 6.93 12.88 -15.18
N HIS C 197 7.52 13.28 -14.06
CA HIS C 197 8.30 14.51 -14.00
C HIS C 197 9.59 14.46 -14.81
N HIS C 198 10.27 13.32 -14.85
CA HIS C 198 11.57 13.22 -15.52
C HIS C 198 11.46 12.65 -16.92
N GLY C 199 10.39 12.95 -17.66
CA GLY C 199 10.34 12.54 -19.04
C GLY C 199 9.01 12.02 -19.54
N ALA C 200 9.03 10.85 -20.19
CA ALA C 200 7.82 10.26 -20.76
C ALA C 200 8.02 8.76 -20.84
N VAL C 201 7.03 8.00 -20.37
CA VAL C 201 7.16 6.55 -20.27
C VAL C 201 6.13 5.86 -21.15
N GLN C 202 6.20 4.54 -21.23
CA GLN C 202 5.18 3.78 -21.94
C GLN C 202 4.87 2.51 -21.16
N TYR C 203 3.68 1.98 -21.41
CA TYR C 203 3.15 0.83 -20.69
C TYR C 203 2.95 -0.28 -21.71
N SER C 204 3.82 -1.29 -21.67
CA SER C 204 3.76 -2.41 -22.58
C SER C 204 3.82 -3.69 -21.77
N GLY C 205 2.72 -4.44 -21.76
CA GLY C 205 2.71 -5.75 -21.11
C GLY C 205 2.82 -5.71 -19.62
N GLY C 206 2.25 -4.69 -18.97
CA GLY C 206 2.26 -4.63 -17.54
C GLY C 206 3.59 -4.26 -16.93
N ARG C 207 4.37 -3.43 -17.61
CA ARG C 207 5.71 -3.12 -17.13
C ARG C 207 6.11 -1.76 -17.66
N PHE C 208 6.03 -0.74 -16.80
CA PHE C 208 6.45 0.60 -17.17
C PHE C 208 7.95 0.64 -17.42
N THR C 209 8.37 1.37 -18.46
CA THR C 209 9.80 1.53 -18.78
C THR C 209 10.15 2.99 -18.98
N ILE C 210 11.36 3.36 -18.57
CA ILE C 210 11.88 4.72 -18.71
C ILE C 210 13.20 4.63 -19.46
N PRO C 211 13.72 5.75 -19.97
CA PRO C 211 15.13 5.75 -20.44
C PRO C 211 16.09 5.58 -19.27
N THR C 212 17.23 4.96 -19.56
CA THR C 212 18.21 4.68 -18.52
C THR C 212 18.88 5.94 -18.03
N GLY C 213 18.80 6.19 -16.73
CA GLY C 213 19.47 7.31 -16.12
C GLY C 213 18.56 8.48 -15.81
N ALA C 214 17.29 8.42 -16.20
CA ALA C 214 16.37 9.50 -15.85
C ALA C 214 15.95 9.45 -14.39
N GLY C 215 16.15 8.31 -13.73
CA GLY C 215 15.84 8.17 -12.31
C GLY C 215 17.11 8.14 -11.50
N LYS C 216 17.06 8.73 -10.32
CA LYS C 216 18.19 8.82 -9.41
C LYS C 216 17.80 8.24 -8.06
N PRO C 217 18.77 7.79 -7.27
CA PRO C 217 18.45 7.21 -5.97
C PRO C 217 17.99 8.24 -4.96
N GLY C 218 16.68 8.46 -4.88
CA GLY C 218 16.15 9.55 -4.12
C GLY C 218 14.97 10.22 -4.80
N ASP C 219 14.43 9.55 -5.81
CA ASP C 219 13.27 10.07 -6.52
C ASP C 219 12.06 9.15 -6.40
N SER C 220 11.78 8.67 -5.19
CA SER C 220 10.60 7.87 -4.95
C SER C 220 9.42 8.75 -4.57
N GLY C 221 8.23 8.17 -4.60
CA GLY C 221 7.03 8.94 -4.36
C GLY C 221 6.55 9.75 -5.56
N ARG C 222 7.27 9.71 -6.67
CA ARG C 222 6.84 10.41 -7.87
C ARG C 222 5.67 9.70 -8.50
N PRO C 223 4.52 10.36 -8.68
CA PRO C 223 3.41 9.73 -9.38
C PRO C 223 3.66 9.66 -10.89
N ILE C 224 2.72 9.03 -11.58
CA ILE C 224 2.72 8.95 -13.04
C ILE C 224 1.34 9.35 -13.53
N PHE C 225 1.28 10.39 -14.34
CA PHE C 225 0.02 10.86 -14.89
C PHE C 225 -0.27 10.18 -16.22
N ASP C 226 -1.52 10.23 -16.68
CA ASP C 226 -1.84 9.55 -17.93
C ASP C 226 -1.96 10.55 -19.07
N ASN C 227 -3.04 11.31 -19.18
CA ASN C 227 -3.09 12.45 -20.08
C ASN C 227 -3.80 13.60 -19.39
N LYS C 228 -4.86 13.28 -18.67
CA LYS C 228 -5.74 14.28 -18.08
C LYS C 228 -5.28 14.72 -16.71
N GLY C 229 -4.03 14.44 -16.37
CA GLY C 229 -3.56 14.70 -15.03
C GLY C 229 -4.13 13.71 -14.03
N ARG C 230 -4.47 12.51 -14.47
CA ARG C 230 -5.01 11.49 -13.60
C ARG C 230 -3.87 10.58 -13.16
N VAL C 231 -3.71 10.39 -11.85
CA VAL C 231 -2.61 9.61 -11.33
C VAL C 231 -2.90 8.13 -11.54
N VAL C 232 -1.90 7.40 -12.01
CA VAL C 232 -2.04 5.98 -12.22
C VAL C 232 -1.29 5.15 -11.19
N ALA C 233 -0.04 5.47 -10.88
CA ALA C 233 0.74 4.60 -9.99
C ALA C 233 1.81 5.43 -9.29
N ILE C 234 2.73 4.75 -8.61
CA ILE C 234 3.74 5.37 -7.75
C ILE C 234 5.09 4.73 -8.04
N VAL C 235 6.05 5.51 -8.53
CA VAL C 235 7.39 5.02 -8.77
C VAL C 235 8.10 4.81 -7.45
N LEU C 236 8.69 3.63 -7.24
CA LEU C 236 9.50 3.43 -6.06
C LEU C 236 10.74 2.57 -6.29
N GLY C 237 11.05 2.16 -7.51
CA GLY C 237 12.18 1.28 -7.75
C GLY C 237 12.87 1.52 -9.07
N GLY C 238 13.40 0.44 -9.65
CA GLY C 238 14.08 0.49 -10.93
C GLY C 238 15.13 -0.59 -11.08
N ALA C 239 15.34 -1.09 -12.28
CA ALA C 239 16.33 -2.15 -12.51
C ALA C 239 16.90 -2.01 -13.91
N ASN C 240 18.22 -1.90 -14.01
CA ASN C 240 18.89 -1.61 -15.27
C ASN C 240 18.90 -2.82 -16.21
N GLU C 241 18.05 -2.79 -17.25
CA GLU C 241 18.12 -3.79 -18.30
C GLU C 241 19.23 -3.49 -19.31
N GLY C 242 19.69 -2.24 -19.36
CA GLY C 242 20.63 -1.85 -20.39
C GLY C 242 20.32 -0.47 -20.95
N ALA C 243 19.98 -0.42 -22.25
CA ALA C 243 19.58 0.84 -22.87
C ALA C 243 18.30 1.38 -22.23
N ARG C 244 17.41 0.50 -21.80
CA ARG C 244 16.23 0.89 -21.06
C ARG C 244 16.28 0.28 -19.67
N THR C 245 15.43 0.80 -18.78
CA THR C 245 15.26 0.24 -17.46
C THR C 245 13.79 0.29 -17.07
N ALA C 246 13.33 -0.78 -16.44
CA ALA C 246 11.94 -0.89 -16.02
C ALA C 246 11.79 -0.48 -14.57
N LEU C 247 10.55 -0.22 -14.17
CA LEU C 247 10.24 0.33 -12.86
C LEU C 247 9.63 -0.73 -11.97
N SER C 248 9.96 -0.67 -10.68
CA SER C 248 9.13 -1.27 -9.66
C SER C 248 8.09 -0.24 -9.27
N VAL C 249 6.83 -0.67 -9.15
CA VAL C 249 5.75 0.30 -9.13
C VAL C 249 4.55 -0.29 -8.38
N VAL C 250 3.79 0.58 -7.72
CA VAL C 250 2.62 0.16 -6.96
C VAL C 250 1.37 0.72 -7.62
N THR C 251 0.76 -0.07 -8.49
CA THR C 251 -0.48 0.34 -9.10
C THR C 251 -1.65 -0.35 -8.41
N TRP C 252 -2.85 0.10 -8.74
CA TRP C 252 -4.06 -0.54 -8.24
C TRP C 252 -4.98 -0.84 -9.41
N THR C 253 -5.38 -2.10 -9.54
CA THR C 253 -6.28 -2.49 -10.62
C THR C 253 -7.68 -1.95 -10.42
N LYS C 254 -8.30 -2.33 -9.32
CA LYS C 254 -9.58 -1.79 -8.88
C LYS C 254 -9.66 -2.19 -7.43
N ASP C 255 -9.70 -1.17 -6.55
CA ASP C 255 -9.72 -1.22 -5.07
C ASP C 255 -8.86 -2.33 -4.45
N MET C 256 -7.68 -2.55 -5.03
CA MET C 256 -6.73 -3.52 -4.50
C MET C 256 -5.34 -3.16 -5.06
N VAL C 257 -4.51 -2.54 -4.23
CA VAL C 257 -3.15 -2.22 -4.64
C VAL C 257 -2.33 -3.48 -4.80
N THR C 258 -1.60 -3.57 -5.91
CA THR C 258 -0.70 -4.70 -6.17
C THR C 258 0.62 -4.11 -6.65
N ARG C 259 1.69 -4.32 -5.88
CA ARG C 259 3.00 -3.83 -6.28
C ARG C 259 3.66 -4.81 -7.24
N TYR C 260 4.39 -4.26 -8.20
CA TYR C 260 5.08 -5.06 -9.21
C TYR C 260 6.58 -4.89 -9.02
N THR C 261 7.32 -5.97 -9.19
CA THR C 261 8.75 -5.89 -8.98
C THR C 261 9.50 -6.73 -10.00
N PRO C 262 10.29 -6.13 -10.88
CA PRO C 262 11.09 -6.91 -11.81
C PRO C 262 12.26 -7.57 -11.11
N GLU C 263 13.03 -8.32 -11.89
CA GLU C 263 14.13 -9.09 -11.34
C GLU C 263 15.32 -8.20 -11.04
N GLY C 264 15.76 -8.20 -9.78
CA GLY C 264 16.95 -7.48 -9.39
C GLY C 264 16.83 -5.98 -9.44
N THR C 265 15.97 -5.41 -8.61
CA THR C 265 15.83 -3.96 -8.58
C THR C 265 16.62 -3.41 -7.41
N GLU C 266 16.54 -2.10 -7.21
CA GLU C 266 17.02 -1.46 -5.99
C GLU C 266 16.13 -0.25 -5.73
N GLU C 267 15.99 0.17 -4.49
CA GLU C 267 15.01 1.19 -4.18
C GLU C 267 15.66 2.58 -4.20
N TRP C 268 15.07 3.47 -4.96
CA TRP C 268 15.53 4.84 -5.07
C TRP C 268 15.05 5.64 -3.87
#